data_9GCC
#
_entry.id   9GCC
#
_cell.length_a   74.150
_cell.length_b   74.150
_cell.length_c   49.450
_cell.angle_alpha   90.000
_cell.angle_beta   90.000
_cell.angle_gamma   90.000
#
_symmetry.space_group_name_H-M   'P 43'
#
loop_
_entity.id
_entity.type
_entity.pdbx_description
1 polymer Chymase
2 branched 2-acetamido-2-deoxy-beta-D-glucopyranose-(1-4)-2-acetamido-2-deoxy-beta-D-glucopyranose
3 non-polymer '1-(1,3-dimethyl-2-oxidanylidene-benzimidazol-5-yl)-3-[[2-methyl-3-(trifluoromethyl)phenyl]methyl]-2,4-bis(oxidanylidene)pyrimidine-5-carboxylic acid'
4 non-polymer 'ZINC ION'
5 water water
#
_entity_poly.entity_id   1
_entity_poly.type   'polypeptide(L)'
_entity_poly.pdbx_seq_one_letter_code
;IIGGTECKPHSRPYMAYLEIVTSNGPSKFCGGFLIRRNFVLTAAHCAGRSITVTLGAHNITEEEDTWQKLEVIKQFRHPK
YNTSTLHHDIMLLKLKEKASLTLAVGTLPFPSQRNFVPPGRMCRVAGWGRTGVLKPGSDTLQEVKLRLMDPQACSHFRDF
DHNLQLCVGNPRKTKSAFKGDSGGPLLCAGAAQGIVSYGRSDAKPPAVFTRISHYQPWINQILQAN
;
_entity_poly.pdbx_strand_id   AAA
#
# COMPACT_ATOMS: atom_id res chain seq x y z
N ILE A 1 1.35 7.31 7.98
CA ILE A 1 -0.05 7.58 8.36
C ILE A 1 -0.08 8.82 9.26
N ILE A 2 -0.88 9.80 8.85
CA ILE A 2 -1.10 11.02 9.61
C ILE A 2 -2.45 10.92 10.33
N GLY A 3 -2.41 11.15 11.65
CA GLY A 3 -3.65 11.24 12.41
C GLY A 3 -4.24 9.89 12.77
N GLY A 4 -3.41 8.85 12.73
CA GLY A 4 -3.88 7.50 12.98
C GLY A 4 -3.49 7.10 14.39
N THR A 5 -3.59 5.80 14.65
CA THR A 5 -3.26 5.26 15.95
C THR A 5 -2.45 3.99 15.75
N GLU A 6 -1.59 3.66 16.70
CA GLU A 6 -0.80 2.46 16.59
C GLU A 6 -1.70 1.24 16.67
N CYS A 7 -1.47 0.30 15.76
CA CYS A 7 -2.21 -0.95 15.79
C CYS A 7 -1.78 -1.84 16.94
N LYS A 8 -2.70 -2.67 17.43
CA LYS A 8 -2.34 -3.82 18.23
C LYS A 8 -1.38 -4.67 17.40
N PRO A 9 -0.21 -5.04 17.92
CA PRO A 9 0.75 -5.80 17.11
C PRO A 9 0.13 -7.03 16.45
N HIS A 10 0.37 -7.15 15.14
CA HIS A 10 -0.02 -8.31 14.36
C HIS A 10 -1.52 -8.42 14.13
N SER A 11 -2.24 -7.31 14.32
CA SER A 11 -3.69 -7.29 14.14
C SER A 11 -4.07 -7.13 12.66
N ARG A 12 -3.10 -6.86 11.77
CA ARG A 12 -3.33 -6.79 10.34
C ARG A 12 -2.36 -7.71 9.62
N PRO A 13 -2.58 -9.02 9.72
CA PRO A 13 -1.52 -9.96 9.40
C PRO A 13 -1.16 -10.11 7.93
N TYR A 14 -1.94 -9.45 7.06
CA TYR A 14 -1.65 -9.42 5.63
C TYR A 14 -0.69 -8.29 5.26
N MET A 15 -0.36 -7.39 6.21
CA MET A 15 0.42 -6.21 5.86
C MET A 15 1.86 -6.60 5.54
N ALA A 16 2.40 -5.99 4.47
CA ALA A 16 3.77 -6.25 4.03
C ALA A 16 4.54 -4.93 4.02
N TYR A 17 5.78 -4.98 4.54
CA TYR A 17 6.69 -3.86 4.56
C TYR A 17 7.71 -4.15 3.44
N LEU A 18 7.84 -3.20 2.51
CA LEU A 18 8.70 -3.37 1.36
C LEU A 18 9.91 -2.46 1.50
N GLU A 19 11.10 -3.04 1.29
CA GLU A 19 12.34 -2.23 1.19
C GLU A 19 12.76 -2.32 -0.28
N ILE A 20 12.75 -1.19 -0.99
CA ILE A 20 13.01 -1.21 -2.46
C ILE A 20 14.42 -0.69 -2.75
N VAL A 21 15.19 -1.45 -3.51
CA VAL A 21 16.58 -1.06 -3.84
C VAL A 21 16.65 -0.48 -5.25
N THR A 22 17.39 0.62 -5.42
CA THR A 22 17.63 1.22 -6.76
C THR A 22 19.14 1.24 -6.95
N SER A 23 19.63 1.29 -8.20
CA SER A 23 21.07 1.20 -8.41
C SER A 23 21.79 2.53 -8.06
N ASN A 24 21.02 3.64 -8.05
CA ASN A 24 21.55 4.99 -7.92
C ASN A 24 21.03 5.78 -6.70
N GLY A 25 20.32 5.17 -5.77
CA GLY A 25 20.00 5.84 -4.52
C GLY A 25 19.89 4.85 -3.39
N PRO A 26 19.72 5.35 -2.13
CA PRO A 26 19.52 4.48 -0.97
C PRO A 26 18.14 3.84 -1.05
N SER A 27 17.92 2.89 -0.14
CA SER A 27 16.65 2.20 0.02
C SER A 27 15.47 3.16 0.07
N LYS A 28 14.34 2.72 -0.50
CA LYS A 28 13.06 3.37 -0.33
C LYS A 28 12.08 2.33 0.25
N PHE A 29 10.97 2.83 0.81
CA PHE A 29 10.06 1.94 1.56
C PHE A 29 8.62 2.15 1.07
N CYS A 30 7.86 1.05 1.07
CA CYS A 30 6.43 1.06 0.74
C CYS A 30 5.73 0.08 1.65
N GLY A 31 4.39 0.12 1.62
CA GLY A 31 3.56 -0.99 2.05
C GLY A 31 3.10 -1.86 0.90
N GLY A 32 2.34 -2.90 1.28
CA GLY A 32 1.73 -3.84 0.38
C GLY A 32 0.96 -4.87 1.21
N PHE A 33 0.35 -5.83 0.55
CA PHE A 33 -0.45 -6.81 1.27
C PHE A 33 -0.37 -8.17 0.61
N LEU A 34 -0.32 -9.20 1.46
CA LEU A 34 -0.23 -10.57 0.96
C LEU A 34 -1.60 -11.05 0.49
N ILE A 35 -1.73 -11.36 -0.80
CA ILE A 35 -3.00 -11.84 -1.34
C ILE A 35 -2.96 -13.32 -1.64
N ARG A 36 -1.76 -13.88 -1.83
CA ARG A 36 -1.56 -15.33 -1.93
C ARG A 36 -0.31 -15.64 -1.13
N ARG A 37 -0.03 -16.91 -0.78
CA ARG A 37 1.14 -17.12 0.06
C ARG A 37 2.44 -16.67 -0.63
N ASN A 38 2.45 -16.65 -1.98
CA ASN A 38 3.67 -16.17 -2.66
C ASN A 38 3.45 -14.92 -3.53
N PHE A 39 2.41 -14.15 -3.24
CA PHE A 39 2.17 -12.89 -3.95
C PHE A 39 1.76 -11.75 -3.03
N VAL A 40 2.39 -10.60 -3.28
CA VAL A 40 2.12 -9.34 -2.60
C VAL A 40 1.65 -8.32 -3.61
N LEU A 41 0.54 -7.63 -3.30
CA LEU A 41 0.02 -6.55 -4.11
C LEU A 41 0.49 -5.23 -3.52
N THR A 42 0.86 -4.30 -4.38
CA THR A 42 1.39 -3.00 -3.99
C THR A 42 1.20 -2.03 -5.15
N ALA A 43 1.83 -0.87 -5.05
CA ALA A 43 1.79 0.18 -6.08
C ALA A 43 2.96 0.02 -7.05
N ALA A 44 2.69 0.26 -8.34
CA ALA A 44 3.73 0.23 -9.36
C ALA A 44 4.86 1.24 -9.11
N HIS A 45 4.55 2.35 -8.44
CA HIS A 45 5.57 3.35 -8.16
C HIS A 45 6.57 2.86 -7.14
N CYS A 46 6.28 1.72 -6.51
CA CYS A 46 7.19 1.08 -5.57
C CYS A 46 8.15 0.10 -6.27
N ALA A 47 8.15 0.03 -7.60
CA ALA A 47 9.08 -0.84 -8.30
C ALA A 47 10.52 -0.38 -8.08
N GLY A 48 11.45 -1.33 -8.21
CA GLY A 48 12.88 -1.00 -8.08
C GLY A 48 13.74 -2.06 -8.73
N ARG A 49 15.06 -1.97 -8.53
CA ARG A 49 15.97 -3.00 -9.08
C ARG A 49 15.70 -4.31 -8.34
N SER A 50 15.43 -4.22 -7.04
CA SER A 50 15.15 -5.43 -6.22
C SER A 50 14.29 -5.02 -5.01
N ILE A 51 13.50 -5.95 -4.50
CA ILE A 51 12.65 -5.67 -3.35
C ILE A 51 12.72 -6.82 -2.35
N THR A 52 12.75 -6.50 -1.04
CA THR A 52 12.56 -7.48 0.01
C THR A 52 11.27 -7.17 0.72
N VAL A 53 10.52 -8.22 1.03
CA VAL A 53 9.27 -8.07 1.77
C VAL A 53 9.45 -8.60 3.18
N THR A 54 8.99 -7.85 4.19
CA THR A 54 8.96 -8.35 5.55
C THR A 54 7.50 -8.50 5.96
N LEU A 55 7.08 -9.75 6.17
CA LEU A 55 5.77 -10.07 6.74
C LEU A 55 5.94 -10.23 8.24
N GLY A 56 4.82 -10.11 8.96
CA GLY A 56 4.74 -10.34 10.41
C GLY A 56 5.31 -9.21 11.26
N ALA A 57 5.52 -8.01 10.68
CA ALA A 57 6.11 -6.94 11.42
C ALA A 57 5.07 -6.08 12.11
N HIS A 58 5.51 -5.51 13.23
CA HIS A 58 4.81 -4.40 13.87
C HIS A 58 5.82 -3.26 14.02
N ASN A 59 6.76 -3.40 14.98
CA ASN A 59 7.88 -2.47 15.09
C ASN A 59 9.00 -2.92 14.16
N ILE A 60 9.14 -2.20 13.05
CA ILE A 60 10.00 -2.65 11.97
C ILE A 60 11.49 -2.48 12.33
N THR A 61 11.79 -1.94 13.52
CA THR A 61 13.16 -1.73 13.97
C THR A 61 13.64 -2.92 14.81
N GLU A 62 12.73 -3.80 15.27
CA GLU A 62 12.98 -4.79 16.34
C GLU A 62 12.62 -6.17 15.76
N GLU A 63 13.61 -6.93 15.23
CA GLU A 63 13.42 -8.26 14.66
C GLU A 63 12.79 -9.17 15.71
N GLU A 64 11.83 -9.98 15.30
CA GLU A 64 11.14 -10.89 16.22
C GLU A 64 10.74 -12.14 15.47
N ASP A 65 10.31 -13.17 16.22
CA ASP A 65 10.02 -14.46 15.62
C ASP A 65 8.89 -14.41 14.60
N THR A 66 7.97 -13.44 14.71
CA THR A 66 6.89 -13.32 13.70
C THR A 66 7.41 -12.91 12.33
N TRP A 67 8.59 -12.28 12.27
CA TRP A 67 9.11 -11.80 11.00
C TRP A 67 9.34 -12.95 10.04
N GLN A 68 8.96 -12.70 8.79
CA GLN A 68 9.37 -13.49 7.67
C GLN A 68 9.87 -12.53 6.60
N LYS A 69 11.19 -12.52 6.41
CA LYS A 69 11.81 -11.69 5.39
C LYS A 69 11.93 -12.56 4.15
N LEU A 70 11.33 -12.13 3.07
CA LEU A 70 11.23 -12.97 1.89
C LEU A 70 11.71 -12.21 0.67
N GLU A 71 12.52 -12.94 -0.12
CA GLU A 71 12.99 -12.48 -1.41
C GLU A 71 11.83 -12.38 -2.39
N VAL A 72 11.85 -11.32 -3.21
CA VAL A 72 10.98 -11.20 -4.35
C VAL A 72 11.76 -11.67 -5.59
N ILE A 73 11.24 -12.68 -6.32
CA ILE A 73 11.93 -13.15 -7.51
C ILE A 73 11.63 -12.30 -8.74
N LYS A 74 10.40 -11.75 -8.82
CA LYS A 74 9.95 -11.05 -10.02
C LYS A 74 8.91 -10.00 -9.63
N GLN A 75 9.00 -8.85 -10.31
CA GLN A 75 8.08 -7.74 -10.15
C GLN A 75 7.20 -7.70 -11.39
N PHE A 76 5.86 -7.66 -11.22
CA PHE A 76 4.90 -7.52 -12.31
C PHE A 76 4.21 -6.17 -12.20
N ARG A 77 4.82 -5.15 -12.81
CA ARG A 77 4.29 -3.80 -12.83
C ARG A 77 3.21 -3.78 -13.91
N HIS A 78 2.08 -3.13 -13.64
CA HIS A 78 1.03 -3.09 -14.62
C HIS A 78 1.63 -2.55 -15.92
N PRO A 79 1.35 -3.20 -17.06
CA PRO A 79 2.01 -2.82 -18.30
C PRO A 79 1.63 -1.46 -18.86
N LYS A 80 0.49 -0.89 -18.42
CA LYS A 80 0.10 0.46 -18.82
C LYS A 80 0.45 1.52 -17.77
N TYR A 81 1.15 1.14 -16.67
CA TYR A 81 1.50 2.10 -15.64
C TYR A 81 2.19 3.31 -16.26
N ASN A 82 1.82 4.50 -15.80
CA ASN A 82 2.29 5.73 -16.41
C ASN A 82 2.93 6.57 -15.32
N THR A 83 4.23 6.84 -15.49
CA THR A 83 5.02 7.42 -14.43
C THR A 83 4.70 8.90 -14.20
N SER A 84 4.05 9.55 -15.17
CA SER A 84 3.61 10.92 -15.01
C SER A 84 2.24 10.99 -14.34
N THR A 85 1.25 10.27 -14.90
CA THR A 85 -0.15 10.39 -14.47
C THR A 85 -0.43 9.51 -13.26
N LEU A 86 0.44 8.51 -13.03
CA LEU A 86 0.28 7.38 -12.12
C LEU A 86 -1.05 6.67 -12.40
N HIS A 87 -1.57 6.73 -13.62
CA HIS A 87 -2.60 5.76 -14.00
C HIS A 87 -2.02 4.35 -13.87
N HIS A 88 -2.87 3.43 -13.38
CA HIS A 88 -2.55 2.00 -13.35
C HIS A 88 -1.40 1.76 -12.39
N ASP A 89 -1.49 2.44 -11.24
CA ASP A 89 -0.47 2.33 -10.22
C ASP A 89 -0.70 1.06 -9.43
N ILE A 90 -0.30 -0.09 -10.01
CA ILE A 90 -0.51 -1.37 -9.36
C ILE A 90 0.58 -2.35 -9.81
N MET A 91 1.00 -3.22 -8.87
CA MET A 91 2.08 -4.15 -9.14
C MET A 91 1.93 -5.37 -8.25
N LEU A 92 2.20 -6.56 -8.85
CA LEU A 92 2.28 -7.81 -8.10
C LEU A 92 3.74 -8.22 -7.90
N LEU A 93 4.06 -8.63 -6.66
CA LEU A 93 5.40 -9.17 -6.40
C LEU A 93 5.29 -10.66 -6.13
N LYS A 94 6.04 -11.44 -6.88
CA LYS A 94 6.09 -12.88 -6.63
C LYS A 94 7.23 -13.18 -5.69
N LEU A 95 6.92 -13.87 -4.60
CA LEU A 95 7.91 -14.20 -3.62
C LEU A 95 8.58 -15.51 -4.02
N LYS A 96 9.84 -15.63 -3.61
CA LYS A 96 10.66 -16.78 -3.94
C LYS A 96 10.04 -18.08 -3.42
N GLU A 97 9.49 -18.03 -2.22
CA GLU A 97 8.76 -19.17 -1.67
C GLU A 97 7.43 -18.69 -1.08
N LYS A 98 6.56 -19.65 -0.78
CA LYS A 98 5.30 -19.31 -0.14
C LYS A 98 5.58 -19.03 1.33
N ALA A 99 4.99 -17.97 1.83
CA ALA A 99 5.08 -17.60 3.22
C ALA A 99 4.45 -18.70 4.08
N SER A 100 4.88 -18.72 5.32
CA SER A 100 4.27 -19.54 6.34
C SER A 100 3.06 -18.80 6.85
N LEU A 101 1.96 -19.53 7.12
CA LEU A 101 0.79 -19.00 7.75
C LEU A 101 0.95 -19.13 9.25
N THR A 102 0.80 -18.01 9.95
CA THR A 102 0.96 -17.94 11.39
C THR A 102 -0.12 -17.01 11.89
N LEU A 103 -0.24 -16.87 13.21
CA LEU A 103 -1.20 -15.90 13.69
C LEU A 103 -0.90 -14.51 13.12
N ALA A 104 0.39 -14.17 13.00
CA ALA A 104 0.85 -12.84 12.59
C ALA A 104 0.93 -12.65 11.08
N VAL A 105 0.85 -13.74 10.30
CA VAL A 105 0.97 -13.68 8.86
C VAL A 105 -0.14 -14.50 8.20
N GLY A 106 -0.95 -13.82 7.38
CA GLY A 106 -1.98 -14.52 6.59
C GLY A 106 -2.34 -13.67 5.39
N THR A 107 -3.06 -14.25 4.43
CA THR A 107 -3.48 -13.54 3.24
C THR A 107 -4.77 -12.76 3.48
N LEU A 108 -5.00 -11.79 2.63
CA LEU A 108 -6.28 -11.12 2.61
C LEU A 108 -7.07 -11.60 1.37
N GLY A 120 -19.52 8.07 0.82
CA GLY A 120 -19.50 8.53 2.22
C GLY A 120 -19.22 7.45 3.28
N ARG A 121 -18.82 6.24 2.84
CA ARG A 121 -18.51 5.17 3.76
C ARG A 121 -17.06 5.30 4.27
N MET A 122 -16.83 4.68 5.43
CA MET A 122 -15.56 4.84 6.13
C MET A 122 -14.71 3.60 5.83
N CYS A 123 -13.46 3.85 5.47
CA CYS A 123 -12.54 2.78 5.13
C CYS A 123 -11.29 2.97 5.98
N ARG A 124 -10.42 1.98 6.00
CA ARG A 124 -9.26 2.05 6.88
C ARG A 124 -8.01 1.76 6.04
N VAL A 125 -6.88 2.43 6.38
CA VAL A 125 -5.60 2.19 5.73
C VAL A 125 -4.50 2.21 6.80
N ALA A 126 -3.56 1.25 6.68
CA ALA A 126 -2.48 1.07 7.62
C ALA A 126 -1.16 1.25 6.87
N GLY A 127 -0.14 1.65 7.59
CA GLY A 127 1.20 1.77 7.00
C GLY A 127 2.24 2.21 8.00
N TRP A 128 3.50 2.11 7.55
CA TRP A 128 4.64 2.55 8.33
C TRP A 128 5.15 3.90 7.85
N GLY A 129 4.34 4.63 7.08
CA GLY A 129 4.83 5.86 6.52
C GLY A 129 4.95 7.00 7.55
N ARG A 130 5.34 8.16 7.05
CA ARG A 130 5.50 9.37 7.83
C ARG A 130 4.20 9.75 8.53
N THR A 131 4.36 10.28 9.74
CA THR A 131 3.25 10.64 10.61
C THR A 131 2.99 12.14 10.51
N GLY A 132 3.70 12.83 9.62
CA GLY A 132 3.52 14.24 9.36
C GLY A 132 4.39 14.67 8.19
N VAL A 133 4.11 15.82 7.59
CA VAL A 133 4.85 16.28 6.44
C VAL A 133 6.36 16.25 6.76
N LEU A 134 6.74 16.69 7.95
CA LEU A 134 8.17 16.82 8.24
C LEU A 134 8.65 15.76 9.23
N LYS A 135 7.86 14.70 9.41
CA LYS A 135 8.19 13.70 10.41
C LYS A 135 8.72 12.48 9.69
N PRO A 136 9.58 11.69 10.35
CA PRO A 136 10.10 10.46 9.75
C PRO A 136 9.03 9.37 9.66
N GLY A 137 9.36 8.33 8.90
CA GLY A 137 8.52 7.15 8.89
C GLY A 137 8.38 6.57 10.29
N SER A 138 7.23 5.98 10.52
CA SER A 138 6.85 5.38 11.77
C SER A 138 7.61 4.08 11.99
N ASP A 139 8.08 3.84 13.22
CA ASP A 139 8.68 2.56 13.54
C ASP A 139 7.60 1.48 13.63
N THR A 140 6.35 1.89 13.94
CA THR A 140 5.27 0.93 14.14
C THR A 140 4.15 1.07 13.10
N LEU A 141 3.40 -0.01 12.89
CA LEU A 141 2.27 0.01 12.00
C LEU A 141 1.16 0.86 12.64
N GLN A 142 0.70 1.84 11.88
CA GLN A 142 -0.38 2.75 12.24
C GLN A 142 -1.55 2.56 11.30
N GLU A 143 -2.73 2.90 11.80
CA GLU A 143 -3.94 2.80 10.98
C GLU A 143 -4.83 4.03 11.18
N VAL A 144 -5.48 4.46 10.09
CA VAL A 144 -6.38 5.60 10.14
C VAL A 144 -7.67 5.25 9.40
N LYS A 145 -8.80 5.80 9.89
CA LYS A 145 -10.07 5.67 9.20
C LYS A 145 -10.29 6.91 8.35
N LEU A 146 -10.59 6.71 7.05
CA LEU A 146 -10.79 7.78 6.07
C LEU A 146 -12.15 7.62 5.39
N ARG A 147 -12.71 8.77 4.95
CA ARG A 147 -13.97 8.81 4.24
C ARG A 147 -13.74 8.65 2.75
N LEU A 148 -14.50 7.73 2.13
CA LEU A 148 -14.56 7.63 0.67
C LEU A 148 -15.41 8.80 0.13
N MET A 149 -14.82 9.56 -0.80
CA MET A 149 -15.39 10.81 -1.25
C MET A 149 -15.93 10.64 -2.67
N ASP A 150 -16.91 11.47 -3.02
CA ASP A 150 -17.34 11.61 -4.40
C ASP A 150 -16.18 12.05 -5.26
N PRO A 151 -16.12 11.64 -6.55
CA PRO A 151 -14.91 11.92 -7.35
C PRO A 151 -14.64 13.40 -7.53
N GLN A 152 -15.69 14.23 -7.45
CA GLN A 152 -15.50 15.68 -7.58
C GLN A 152 -14.53 16.24 -6.55
N ALA A 153 -14.41 15.58 -5.39
CA ALA A 153 -13.51 16.01 -4.32
C ALA A 153 -12.05 15.88 -4.74
N CYS A 154 -11.76 15.11 -5.82
CA CYS A 154 -10.39 14.90 -6.28
C CYS A 154 -10.12 15.58 -7.65
N SER A 155 -11.00 16.50 -8.10
CA SER A 155 -10.90 17.10 -9.42
C SER A 155 -9.59 17.84 -9.64
N HIS A 156 -9.05 18.40 -8.55
CA HIS A 156 -7.83 19.21 -8.60
C HIS A 156 -6.61 18.37 -8.96
N PHE A 157 -6.71 17.04 -8.76
CA PHE A 157 -5.78 16.09 -9.32
C PHE A 157 -6.17 15.91 -10.79
N ARG A 158 -5.49 16.61 -11.70
CA ARG A 158 -6.03 16.74 -13.04
C ARG A 158 -6.06 15.41 -13.81
N ASP A 159 -5.23 14.45 -13.41
CA ASP A 159 -5.22 13.14 -14.07
C ASP A 159 -5.97 12.08 -13.28
N PHE A 160 -6.69 12.49 -12.23
CA PHE A 160 -7.57 11.56 -11.52
C PHE A 160 -8.66 11.06 -12.46
N ASP A 161 -9.04 9.77 -12.35
CA ASP A 161 -10.12 9.21 -13.14
C ASP A 161 -10.96 8.34 -12.23
N HIS A 162 -12.25 8.63 -12.14
CA HIS A 162 -13.15 7.96 -11.21
C HIS A 162 -13.27 6.46 -11.52
N ASN A 163 -13.17 6.09 -12.79
CA ASN A 163 -13.27 4.67 -13.16
C ASN A 163 -12.05 3.87 -12.66
N LEU A 164 -10.88 4.55 -12.58
CA LEU A 164 -9.64 3.85 -12.26
C LEU A 164 -9.26 3.95 -10.79
N GLN A 165 -9.79 4.97 -10.11
CA GLN A 165 -9.27 5.40 -8.83
C GLN A 165 -10.39 5.79 -7.85
N LEU A 166 -10.03 5.69 -6.55
CA LEU A 166 -10.86 6.17 -5.46
C LEU A 166 -10.31 7.47 -4.94
N CYS A 167 -11.24 8.28 -4.42
CA CYS A 167 -10.95 9.58 -3.83
C CYS A 167 -11.20 9.49 -2.33
N VAL A 168 -10.14 9.65 -1.52
CA VAL A 168 -10.17 9.16 -0.15
C VAL A 168 -9.66 10.22 0.84
N GLY A 169 -10.51 10.54 1.82
CA GLY A 169 -10.14 11.45 2.89
C GLY A 169 -10.91 12.77 2.85
N ASN A 170 -11.64 13.01 3.95
CA ASN A 170 -12.37 14.27 4.15
C ASN A 170 -11.39 15.42 4.22
N PRO A 171 -11.49 16.45 3.33
CA PRO A 171 -10.56 17.58 3.40
C PRO A 171 -10.61 18.43 4.67
N ARG A 172 -11.66 18.28 5.50
CA ARG A 172 -11.74 18.98 6.78
C ARG A 172 -11.10 18.25 7.95
N LYS A 173 -10.51 17.08 7.68
CA LYS A 173 -9.74 16.36 8.67
C LYS A 173 -8.29 16.35 8.17
N THR A 174 -7.33 16.17 9.09
CA THR A 174 -5.92 16.08 8.74
C THR A 174 -5.54 14.63 8.42
N LYS A 175 -6.39 13.68 8.82
CA LYS A 175 -6.13 12.25 8.65
C LYS A 175 -5.82 11.93 7.18
N SER A 176 -4.82 11.08 6.95
CA SER A 176 -4.34 10.84 5.60
C SER A 176 -3.27 9.76 5.60
N ALA A 177 -3.17 9.01 4.51
CA ALA A 177 -1.97 8.27 4.23
C ALA A 177 -0.93 9.28 3.72
N PHE A 178 0.34 8.92 3.80
CA PHE A 178 1.39 9.81 3.31
C PHE A 178 2.60 9.02 2.87
N LYS A 179 3.72 9.72 2.67
CA LYS A 179 4.92 9.11 2.14
C LYS A 179 5.26 7.88 2.98
N GLY A 180 5.56 6.80 2.27
CA GLY A 180 5.93 5.54 2.88
C GLY A 180 4.73 4.61 3.05
N ASP A 181 3.52 5.13 2.83
CA ASP A 181 2.29 4.32 2.92
C ASP A 181 1.84 3.79 1.55
N SER A 182 2.44 4.29 0.45
CA SER A 182 2.23 3.79 -0.89
C SER A 182 2.16 2.29 -0.91
N GLY A 183 1.21 1.74 -1.69
CA GLY A 183 1.14 0.30 -1.88
C GLY A 183 0.26 -0.41 -0.86
N GLY A 184 -0.03 0.22 0.26
CA GLY A 184 -0.87 -0.48 1.23
C GLY A 184 -2.33 -0.48 0.83
N PRO A 185 -3.12 -1.41 1.40
CA PRO A 185 -4.55 -1.52 1.07
C PRO A 185 -5.45 -0.61 1.90
N LEU A 186 -6.46 -0.08 1.21
CA LEU A 186 -7.58 0.56 1.84
C LEU A 186 -8.70 -0.47 1.96
N LEU A 187 -9.11 -0.77 3.19
CA LEU A 187 -10.14 -1.77 3.39
C LEU A 187 -11.43 -1.05 3.73
N CYS A 188 -12.52 -1.50 3.12
CA CYS A 188 -13.85 -0.97 3.41
C CYS A 188 -14.72 -2.20 3.71
N ALA A 189 -15.32 -2.25 4.90
CA ALA A 189 -16.04 -3.45 5.36
C ALA A 189 -15.18 -4.72 5.30
N GLY A 190 -13.90 -4.63 5.62
CA GLY A 190 -13.06 -5.81 5.70
C GLY A 190 -12.63 -6.34 4.33
N ALA A 191 -12.92 -5.62 3.24
CA ALA A 191 -12.41 -6.03 1.94
C ALA A 191 -11.51 -4.96 1.35
N ALA A 192 -10.43 -5.38 0.68
CA ALA A 192 -9.52 -4.48 0.02
C ALA A 192 -10.20 -3.83 -1.18
N GLN A 193 -10.26 -2.51 -1.20
CA GLN A 193 -10.92 -1.80 -2.30
C GLN A 193 -9.94 -0.87 -3.04
N GLY A 194 -8.91 -0.42 -2.31
CA GLY A 194 -7.96 0.56 -2.81
C GLY A 194 -6.52 0.22 -2.53
N ILE A 195 -5.63 0.92 -3.25
CA ILE A 195 -4.20 0.87 -2.98
C ILE A 195 -3.72 2.32 -2.86
N VAL A 196 -3.05 2.64 -1.76
CA VAL A 196 -2.47 3.96 -1.61
C VAL A 196 -1.62 4.30 -2.85
N SER A 197 -1.90 5.44 -3.50
CA SER A 197 -1.16 5.83 -4.69
C SER A 197 -0.48 7.20 -4.56
N TYR A 198 -1.24 8.29 -4.45
CA TYR A 198 -0.59 9.61 -4.42
C TYR A 198 -1.49 10.67 -3.83
N GLY A 199 -0.88 11.81 -3.53
CA GLY A 199 -1.62 12.94 -3.02
C GLY A 199 -0.78 14.21 -3.03
N ARG A 200 -1.25 15.21 -2.29
CA ARG A 200 -0.55 16.48 -2.20
C ARG A 200 0.70 16.39 -1.32
N SER A 201 1.72 17.15 -1.73
CA SER A 201 2.97 17.22 -0.99
C SER A 201 2.73 17.77 0.41
N ASP A 202 1.65 18.56 0.61
CA ASP A 202 1.34 19.12 1.92
C ASP A 202 0.38 18.25 2.73
N ALA A 203 0.06 17.05 2.23
CA ALA A 203 -0.76 16.08 2.92
C ALA A 203 -2.20 16.53 3.14
N LYS A 204 -2.66 17.58 2.46
CA LYS A 204 -4.06 17.98 2.62
C LYS A 204 -4.95 16.99 1.89
N PRO A 205 -5.88 16.30 2.57
CA PRO A 205 -6.72 15.32 1.89
C PRO A 205 -7.69 16.00 0.95
N PRO A 206 -8.31 15.27 0.00
CA PRO A 206 -8.16 13.83 -0.17
C PRO A 206 -6.91 13.40 -0.93
N ALA A 207 -6.71 12.07 -0.93
CA ALA A 207 -5.68 11.41 -1.71
C ALA A 207 -6.32 10.46 -2.72
N VAL A 208 -5.47 10.02 -3.64
CA VAL A 208 -5.86 9.14 -4.72
C VAL A 208 -5.34 7.73 -4.46
N PHE A 209 -6.28 6.77 -4.54
CA PHE A 209 -6.03 5.34 -4.41
C PHE A 209 -6.36 4.64 -5.73
N THR A 210 -5.61 3.57 -6.02
CA THR A 210 -5.96 2.71 -7.15
C THR A 210 -7.23 1.93 -6.83
N ARG A 211 -8.20 1.90 -7.76
CA ARG A 211 -9.44 1.15 -7.57
C ARG A 211 -9.21 -0.31 -7.96
N ILE A 212 -9.07 -1.20 -6.97
CA ILE A 212 -8.63 -2.58 -7.23
C ILE A 212 -9.59 -3.30 -8.17
N SER A 213 -10.91 -3.06 -8.04
CA SER A 213 -11.92 -3.78 -8.82
C SER A 213 -11.64 -3.68 -10.31
N HIS A 214 -11.19 -2.52 -10.77
CA HIS A 214 -10.86 -2.31 -12.17
C HIS A 214 -9.80 -3.29 -12.66
N TYR A 215 -8.90 -3.71 -11.74
CA TYR A 215 -7.67 -4.42 -12.10
C TYR A 215 -7.78 -5.91 -11.83
N GLN A 216 -8.94 -6.37 -11.33
CA GLN A 216 -9.10 -7.76 -10.92
C GLN A 216 -8.82 -8.73 -12.05
N PRO A 217 -9.31 -8.53 -13.30
CA PRO A 217 -8.93 -9.40 -14.40
C PRO A 217 -7.43 -9.49 -14.65
N TRP A 218 -6.74 -8.34 -14.59
CA TRP A 218 -5.29 -8.36 -14.75
C TRP A 218 -4.62 -9.11 -13.60
N ILE A 219 -5.08 -8.87 -12.36
CA ILE A 219 -4.52 -9.60 -11.23
C ILE A 219 -4.66 -11.12 -11.44
N ASN A 220 -5.85 -11.54 -11.91
CA ASN A 220 -6.11 -12.97 -12.03
C ASN A 220 -5.24 -13.56 -13.14
N GLN A 221 -5.03 -12.79 -14.19
CA GLN A 221 -4.21 -13.19 -15.32
C GLN A 221 -2.79 -13.48 -14.83
N ILE A 222 -2.20 -12.55 -14.06
CA ILE A 222 -0.85 -12.74 -13.57
C ILE A 222 -0.81 -13.97 -12.66
N LEU A 223 -1.74 -14.07 -11.71
CA LEU A 223 -1.73 -15.16 -10.75
C LEU A 223 -1.81 -16.51 -11.48
N GLN A 224 -2.63 -16.60 -12.54
CA GLN A 224 -2.78 -17.85 -13.27
C GLN A 224 -1.55 -18.20 -14.09
N ALA A 225 -0.76 -17.21 -14.52
CA ALA A 225 0.40 -17.48 -15.37
C ALA A 225 1.68 -17.74 -14.56
N ASN A 226 1.63 -17.57 -13.23
CA ASN A 226 2.84 -17.59 -12.39
C ASN A 226 2.57 -18.44 -11.13
#